data_3RPG
#
_entry.id   3RPG
#
_cell.length_a   107.890
_cell.length_b   107.890
_cell.length_c   77.572
_cell.angle_alpha   90.00
_cell.angle_beta   90.00
_cell.angle_gamma   120.00
#
_symmetry.space_group_name_H-M   'P 32 2 1'
#
loop_
_entity.id
_entity.type
_entity.pdbx_description
1 polymer 'Ubiquitin-conjugating enzyme E2 D3'
2 polymer 'Polycomb complex protein BMI-1'
3 polymer 'E3 ubiquitin-protein ligase RING2'
4 non-polymer 'ZINC ION'
5 water water
#
loop_
_entity_poly.entity_id
_entity_poly.type
_entity_poly.pdbx_seq_one_letter_code
_entity_poly.pdbx_strand_id
1 'polypeptide(L)'
;LGSALKRINKELSDLARDPPAQCSAGPVGDDMFHWQATIMGPNDSPYQGGVFFLTIHFPTDYPFKPPKVAFTTRIYHPNI
NSNGSICLDILRSQWSPALTISKVLLSICSLLCDPNPDDPLVPEIARIYKTDRDKYNRISREWTQKYAM
;
A
2 'polypeptide(L)'
;MHRTTRIKITELNPHLMCVLCGGYFIDATTIIECLHSFCKTCIVRYLETSKYCPICDVQVHKTRPLLNIRSDKTLQDIVY
KLVPGLFKNEMKRRRDFYAAHPSADAANGLEHHHHHH
;
B
3 'polypeptide(L)'
;GPLGSMSQAVQTNGTQPLSKTWELSLYELQRTPQEAITDGLEIVVSPRSLHSELMCPICLDMLKNTMTTKECLHRFCADC
IITALRSGNKECPTCRKKLVSKRSLRPDPNFDALISKIYPS
;
C
#
loop_
_chem_comp.id
_chem_comp.type
_chem_comp.name
_chem_comp.formula
ZN non-polymer 'ZINC ION' 'Zn 2'
#
# COMPACT_ATOMS: atom_id res chain seq x y z
N LEU A 1 -20.47 14.49 -8.53
CA LEU A 1 -19.83 13.71 -7.48
C LEU A 1 -18.72 14.44 -6.73
N GLY A 2 -17.79 15.11 -7.43
CA GLY A 2 -16.71 15.81 -6.75
C GLY A 2 -15.73 14.87 -6.06
N SER A 3 -15.97 13.57 -6.21
CA SER A 3 -15.12 12.58 -5.58
C SER A 3 -13.71 12.53 -6.18
N ALA A 4 -13.63 12.57 -7.50
CA ALA A 4 -12.35 12.54 -8.19
C ALA A 4 -11.51 13.75 -7.79
N LEU A 5 -12.14 14.92 -7.82
CA LEU A 5 -11.48 16.18 -7.45
C LEU A 5 -10.86 16.16 -6.05
N LYS A 6 -11.53 15.48 -5.11
CA LYS A 6 -11.03 15.33 -3.75
C LYS A 6 -9.75 14.49 -3.74
N ARG A 7 -9.82 13.34 -4.40
CA ARG A 7 -8.68 12.44 -4.53
C ARG A 7 -7.48 13.15 -5.16
N ILE A 8 -7.77 13.91 -6.21
CA ILE A 8 -6.73 14.63 -6.93
C ILE A 8 -6.08 15.70 -6.07
N ASN A 9 -6.90 16.41 -5.28
CA ASN A 9 -6.39 17.48 -4.42
C ASN A 9 -5.52 16.97 -3.28
N LYS A 10 -5.82 15.77 -2.77
CA LYS A 10 -5.02 15.19 -1.72
C LYS A 10 -3.66 14.76 -2.24
N GLU A 11 -3.65 14.09 -3.39
CA GLU A 11 -2.40 13.74 -4.04
C GLU A 11 -1.52 14.98 -4.18
N LEU A 12 -2.13 16.09 -4.56
CA LEU A 12 -1.41 17.36 -4.71
C LEU A 12 -0.83 17.82 -3.38
N SER A 13 -1.55 17.54 -2.30
CA SER A 13 -1.09 17.89 -0.97
C SER A 13 0.14 17.07 -0.59
N ASP A 14 0.07 15.76 -0.84
CA ASP A 14 1.17 14.87 -0.51
C ASP A 14 2.42 15.27 -1.28
N LEU A 15 2.24 15.59 -2.56
CA LEU A 15 3.35 15.98 -3.43
C LEU A 15 4.05 17.22 -2.91
N ALA A 16 3.28 18.09 -2.25
CA ALA A 16 3.81 19.31 -1.66
C ALA A 16 4.70 19.01 -0.45
N ARG A 17 4.31 18.01 0.34
CA ARG A 17 5.03 17.67 1.56
C ARG A 17 6.15 16.64 1.25
N ASP A 18 5.99 15.87 0.18
CA ASP A 18 6.96 14.86 -0.16
C ASP A 18 7.31 14.85 -1.67
N PRO A 19 7.86 15.98 -2.18
CA PRO A 19 8.19 16.00 -3.61
C PRO A 19 8.86 14.70 -4.05
N PRO A 20 8.31 14.02 -5.06
CA PRO A 20 8.93 12.77 -5.53
C PRO A 20 10.29 13.05 -6.14
N ALA A 21 11.23 12.12 -5.99
CA ALA A 21 12.58 12.31 -6.49
C ALA A 21 12.64 12.41 -8.03
N GLN A 22 13.29 13.48 -8.50
CA GLN A 22 13.60 13.65 -9.92
C GLN A 22 12.43 14.13 -10.78
N CYS A 23 11.26 14.28 -10.19
CA CYS A 23 10.10 14.70 -10.96
C CYS A 23 9.13 15.58 -10.17
N SER A 24 8.26 16.27 -10.92
CA SER A 24 7.26 17.13 -10.32
C SER A 24 6.01 17.13 -11.19
N ALA A 25 4.86 17.36 -10.57
CA ALA A 25 3.60 17.42 -11.29
C ALA A 25 2.60 18.29 -10.55
N GLY A 26 1.62 18.80 -11.29
CA GLY A 26 0.61 19.67 -10.72
C GLY A 26 -0.29 20.24 -11.80
N PRO A 27 -1.30 21.01 -11.41
CA PRO A 27 -2.24 21.59 -12.38
C PRO A 27 -1.49 22.50 -13.34
N VAL A 28 -1.87 22.46 -14.61
CA VAL A 28 -1.22 23.30 -15.61
C VAL A 28 -1.92 24.66 -15.67
N GLY A 29 -2.91 24.85 -14.81
CA GLY A 29 -3.62 26.11 -14.74
C GLY A 29 -4.64 26.16 -13.62
N ASP A 30 -5.91 26.25 -13.99
CA ASP A 30 -6.99 26.39 -13.02
C ASP A 30 -7.86 25.13 -12.95
N ASP A 31 -7.64 24.21 -13.90
CA ASP A 31 -8.40 22.97 -13.94
C ASP A 31 -7.61 21.82 -13.32
N MET A 32 -8.07 21.37 -12.15
CA MET A 32 -7.38 20.33 -11.39
C MET A 32 -7.32 18.99 -12.12
N PHE A 33 -8.11 18.86 -13.19
CA PHE A 33 -8.14 17.63 -13.96
C PHE A 33 -7.09 17.60 -15.07
N HIS A 34 -6.48 18.74 -15.32
CA HIS A 34 -5.40 18.82 -16.30
C HIS A 34 -4.08 19.19 -15.64
N TRP A 35 -3.14 18.24 -15.64
CA TRP A 35 -1.86 18.47 -15.01
C TRP A 35 -0.71 18.48 -16.02
N GLN A 36 0.42 18.99 -15.58
CA GLN A 36 1.69 18.82 -16.30
C GLN A 36 2.69 18.17 -15.34
N ALA A 37 3.67 17.49 -15.92
CA ALA A 37 4.73 16.87 -15.15
C ALA A 37 6.08 17.12 -15.83
N THR A 38 7.16 17.00 -15.07
CA THR A 38 8.49 17.00 -15.63
C THR A 38 9.27 15.84 -15.02
N ILE A 39 10.02 15.13 -15.86
CA ILE A 39 10.87 14.06 -15.36
C ILE A 39 12.30 14.33 -15.79
N MET A 40 13.22 14.25 -14.85
CA MET A 40 14.63 14.35 -15.19
C MET A 40 15.10 12.97 -15.64
N GLY A 41 15.89 12.92 -16.70
CA GLY A 41 16.43 11.66 -17.18
C GLY A 41 17.20 10.98 -16.08
N PRO A 42 16.89 9.71 -15.81
CA PRO A 42 17.61 8.97 -14.77
C PRO A 42 19.09 8.87 -15.12
N ASN A 43 19.95 8.95 -14.11
CA ASN A 43 21.39 8.86 -14.33
C ASN A 43 21.80 7.46 -14.77
N ASP A 44 20.96 6.48 -14.43
CA ASP A 44 21.20 5.11 -14.87
C ASP A 44 20.57 4.88 -16.24
N SER A 45 20.84 5.80 -17.17
CA SER A 45 20.25 5.74 -18.51
C SER A 45 20.86 6.77 -19.46
N PRO A 46 20.62 6.61 -20.77
CA PRO A 46 21.11 7.52 -21.81
C PRO A 46 20.33 8.83 -21.82
N TYR A 47 19.31 8.92 -20.98
CA TYR A 47 18.45 10.11 -20.94
C TYR A 47 18.93 11.07 -19.86
N GLN A 48 20.00 10.67 -19.18
CA GLN A 48 20.63 11.48 -18.15
C GLN A 48 20.95 12.90 -18.64
N GLY A 49 20.50 13.89 -17.87
CA GLY A 49 20.74 15.29 -18.20
C GLY A 49 19.55 15.92 -18.89
N GLY A 50 18.60 15.08 -19.28
CA GLY A 50 17.43 15.55 -20.00
C GLY A 50 16.28 15.91 -19.09
N VAL A 51 15.49 16.90 -19.51
CA VAL A 51 14.25 17.23 -18.82
C VAL A 51 13.11 16.93 -19.77
N PHE A 52 12.24 15.99 -19.38
CA PHE A 52 11.14 15.57 -20.24
C PHE A 52 9.81 15.98 -19.65
N PHE A 53 8.98 16.63 -20.46
CA PHE A 53 7.68 17.10 -19.99
C PHE A 53 6.57 16.14 -20.38
N LEU A 54 5.57 16.04 -19.52
CA LEU A 54 4.43 15.19 -19.78
C LEU A 54 3.14 15.96 -19.56
N THR A 55 2.06 15.47 -20.17
CA THR A 55 0.73 16.05 -19.97
C THR A 55 -0.15 15.00 -19.29
N ILE A 56 -1.01 15.45 -18.39
CA ILE A 56 -1.84 14.54 -17.61
C ILE A 56 -3.30 14.97 -17.54
N HIS A 57 -4.19 14.05 -17.91
CA HIS A 57 -5.63 14.30 -17.84
C HIS A 57 -6.32 13.21 -17.01
N PHE A 58 -6.88 13.61 -15.89
CA PHE A 58 -7.63 12.69 -15.04
C PHE A 58 -9.06 12.52 -15.53
N PRO A 59 -9.55 11.27 -15.61
CA PRO A 59 -10.96 11.03 -15.94
C PRO A 59 -11.86 11.45 -14.78
N THR A 60 -13.15 11.68 -15.06
CA THR A 60 -14.09 12.16 -14.05
C THR A 60 -14.32 11.15 -12.94
N ASP A 61 -14.02 9.89 -13.23
CA ASP A 61 -14.15 8.81 -12.26
C ASP A 61 -12.79 8.27 -11.78
N TYR A 62 -11.75 9.09 -11.91
CA TYR A 62 -10.49 8.86 -11.22
C TYR A 62 -10.84 8.73 -9.75
N PRO A 63 -10.18 7.81 -9.03
CA PRO A 63 -9.07 6.95 -9.44
C PRO A 63 -9.49 5.56 -9.90
N PHE A 64 -10.78 5.33 -10.18
CA PHE A 64 -11.23 4.01 -10.61
C PHE A 64 -10.92 3.77 -12.09
N LYS A 65 -10.52 4.84 -12.77
CA LYS A 65 -9.99 4.73 -14.13
C LYS A 65 -8.62 5.40 -14.15
N PRO A 66 -7.70 4.87 -14.97
CA PRO A 66 -6.33 5.40 -14.98
C PRO A 66 -6.29 6.80 -15.57
N PRO A 67 -5.30 7.61 -15.16
CA PRO A 67 -5.12 8.91 -15.79
C PRO A 67 -4.56 8.74 -17.19
N LYS A 68 -4.73 9.74 -18.04
CA LYS A 68 -4.18 9.70 -19.39
C LYS A 68 -2.87 10.47 -19.40
N VAL A 69 -1.77 9.78 -19.69
CA VAL A 69 -0.45 10.38 -19.57
C VAL A 69 0.38 10.20 -20.83
N ALA A 70 0.98 11.30 -21.30
CA ALA A 70 1.82 11.24 -22.49
C ALA A 70 2.97 12.25 -22.42
N PHE A 71 4.09 11.89 -23.06
CA PHE A 71 5.22 12.80 -23.18
C PHE A 71 4.91 13.89 -24.18
N THR A 72 5.37 15.11 -23.91
CA THR A 72 5.29 16.19 -24.88
C THR A 72 6.70 16.50 -25.38
N THR A 73 7.69 15.91 -24.72
CA THR A 73 9.07 16.04 -25.15
C THR A 73 9.48 14.82 -25.97
N ARG A 74 9.97 15.05 -27.17
CA ARG A 74 10.39 13.96 -28.05
C ARG A 74 11.46 13.12 -27.37
N ILE A 75 11.31 11.79 -27.45
CA ILE A 75 12.24 10.87 -26.82
C ILE A 75 12.41 9.58 -27.63
N TYR A 76 13.62 9.02 -27.58
CA TYR A 76 13.95 7.80 -28.31
C TYR A 76 13.90 6.60 -27.37
N HIS A 77 12.83 5.81 -27.49
CA HIS A 77 12.54 4.77 -26.52
C HIS A 77 11.56 3.75 -27.09
N PRO A 78 11.77 2.46 -26.79
CA PRO A 78 10.95 1.38 -27.34
C PRO A 78 9.47 1.47 -26.98
N ASN A 79 9.17 2.03 -25.82
CA ASN A 79 7.80 2.03 -25.29
C ASN A 79 7.10 3.38 -25.42
N ILE A 80 7.78 4.33 -26.05
CA ILE A 80 7.23 5.67 -26.24
C ILE A 80 7.37 6.09 -27.70
N ASN A 81 6.25 6.42 -28.34
CA ASN A 81 6.29 6.82 -29.76
C ASN A 81 6.37 8.33 -29.95
N SER A 82 6.38 8.77 -31.21
CA SER A 82 6.56 10.18 -31.53
C SER A 82 5.38 11.05 -31.11
N ASN A 83 4.29 10.43 -30.72
CA ASN A 83 3.14 11.16 -30.20
C ASN A 83 3.27 11.38 -28.70
N GLY A 84 4.31 10.79 -28.13
CA GLY A 84 4.52 10.84 -26.69
C GLY A 84 3.69 9.78 -25.99
N SER A 85 3.03 8.94 -26.77
CA SER A 85 2.22 7.86 -26.22
C SER A 85 3.10 6.86 -25.48
N ILE A 86 2.62 6.40 -24.32
CA ILE A 86 3.40 5.54 -23.45
C ILE A 86 2.79 4.14 -23.33
N CYS A 87 3.56 3.12 -23.67
CA CYS A 87 3.11 1.74 -23.47
C CYS A 87 3.54 1.24 -22.11
N LEU A 88 2.64 1.33 -21.14
CA LEU A 88 2.91 0.94 -19.76
C LEU A 88 1.67 0.29 -19.18
N ASP A 89 1.81 -0.93 -18.66
CA ASP A 89 0.66 -1.71 -18.24
C ASP A 89 -0.24 -1.02 -17.21
N ILE A 90 0.36 -0.39 -16.21
CA ILE A 90 -0.42 0.24 -15.15
C ILE A 90 -1.29 1.39 -15.66
N LEU A 91 -1.01 1.85 -16.87
CA LEU A 91 -1.76 2.93 -17.48
C LEU A 91 -3.01 2.38 -18.17
N ARG A 92 -3.05 1.08 -18.41
CA ARG A 92 -4.18 0.49 -19.11
C ARG A 92 -4.91 -0.75 -18.57
N SER A 93 -4.22 -1.88 -18.48
CA SER A 93 -4.85 -3.13 -18.05
C SER A 93 -4.53 -3.41 -16.59
N GLN A 94 -3.41 -2.87 -16.13
CA GLN A 94 -2.92 -3.15 -14.79
C GLN A 94 -3.10 -1.95 -13.85
N TRP A 95 -4.01 -1.03 -14.22
CA TRP A 95 -4.33 0.07 -13.33
C TRP A 95 -4.97 -0.46 -12.04
N SER A 96 -4.59 0.16 -10.92
CA SER A 96 -5.21 -0.14 -9.64
C SER A 96 -5.67 1.17 -9.03
N PRO A 97 -6.84 1.18 -8.39
CA PRO A 97 -7.34 2.42 -7.79
C PRO A 97 -6.52 2.86 -6.58
N ALA A 98 -5.51 2.06 -6.22
CA ALA A 98 -4.64 2.41 -5.10
C ALA A 98 -3.45 3.22 -5.60
N LEU A 99 -3.33 3.32 -6.91
CA LEU A 99 -2.20 3.99 -7.54
C LEU A 99 -2.33 5.52 -7.49
N THR A 100 -1.19 6.20 -7.55
CA THR A 100 -1.17 7.66 -7.56
C THR A 100 -0.28 8.17 -8.71
N ILE A 101 -0.43 9.45 -9.05
CA ILE A 101 0.42 10.07 -10.04
C ILE A 101 1.89 9.92 -9.64
N SER A 102 2.16 10.10 -8.35
CA SER A 102 3.52 9.94 -7.83
C SER A 102 4.09 8.58 -8.21
N LYS A 103 3.26 7.55 -8.07
CA LYS A 103 3.66 6.19 -8.42
C LYS A 103 3.79 6.00 -9.92
N VAL A 104 2.90 6.63 -10.68
CA VAL A 104 2.96 6.54 -12.13
C VAL A 104 4.26 7.14 -12.64
N LEU A 105 4.61 8.30 -12.09
CA LEU A 105 5.82 9.01 -12.48
C LEU A 105 7.07 8.19 -12.19
N LEU A 106 7.12 7.61 -10.98
CA LEU A 106 8.24 6.75 -10.60
C LEU A 106 8.28 5.48 -11.45
N SER A 107 7.11 5.00 -11.86
CA SER A 107 7.02 3.85 -12.75
C SER A 107 7.60 4.19 -14.12
N ILE A 108 7.33 5.40 -14.58
CA ILE A 108 7.81 5.84 -15.88
C ILE A 108 9.32 6.04 -15.85
N CYS A 109 9.82 6.64 -14.77
CA CYS A 109 11.24 6.79 -14.57
C CYS A 109 11.92 5.42 -14.67
N SER A 110 11.30 4.43 -14.05
CA SER A 110 11.82 3.06 -14.09
C SER A 110 11.80 2.55 -15.52
N LEU A 111 10.76 2.90 -16.26
CA LEU A 111 10.63 2.46 -17.64
C LEU A 111 11.76 3.04 -18.49
N LEU A 112 12.21 4.24 -18.11
CA LEU A 112 13.29 4.90 -18.84
C LEU A 112 14.62 4.18 -18.60
N CYS A 113 14.80 3.70 -17.37
CA CYS A 113 16.01 2.97 -17.02
C CYS A 113 16.04 1.61 -17.71
N ASP A 114 14.91 0.90 -17.66
CA ASP A 114 14.83 -0.43 -18.22
C ASP A 114 13.64 -0.58 -19.18
N PRO A 115 13.81 -0.19 -20.44
CA PRO A 115 12.76 -0.31 -21.45
C PRO A 115 12.21 -1.74 -21.51
N ASN A 116 10.95 -1.88 -21.92
CA ASN A 116 10.37 -3.20 -22.13
C ASN A 116 10.28 -3.53 -23.61
N PRO A 117 11.36 -4.08 -24.17
CA PRO A 117 11.46 -4.31 -25.62
C PRO A 117 10.49 -5.38 -26.12
N ASP A 118 9.89 -6.13 -25.19
CA ASP A 118 9.00 -7.23 -25.56
C ASP A 118 7.56 -6.77 -25.82
N ASP A 119 7.30 -5.51 -25.50
CA ASP A 119 5.98 -4.92 -25.75
C ASP A 119 6.10 -3.52 -26.35
N PRO A 120 6.69 -3.44 -27.54
CA PRO A 120 7.17 -2.19 -28.13
C PRO A 120 6.09 -1.33 -28.79
N LEU A 121 6.22 -0.02 -28.64
CA LEU A 121 5.42 0.92 -29.40
C LEU A 121 6.19 1.22 -30.68
N VAL A 122 7.50 1.11 -30.59
CA VAL A 122 8.40 1.33 -31.72
C VAL A 122 9.34 0.16 -31.89
N PRO A 123 8.93 -0.86 -32.65
CA PRO A 123 9.70 -2.08 -32.88
C PRO A 123 11.14 -1.83 -33.30
N GLU A 124 11.32 -0.90 -34.24
CA GLU A 124 12.65 -0.52 -34.68
C GLU A 124 13.61 -0.13 -33.55
N ILE A 125 13.07 0.41 -32.47
CA ILE A 125 13.88 0.81 -31.32
C ILE A 125 14.03 -0.33 -30.31
N ALA A 126 12.97 -1.09 -30.12
CA ALA A 126 13.03 -2.30 -29.31
C ALA A 126 14.08 -3.25 -29.89
N ARG A 127 14.11 -3.34 -31.22
CA ARG A 127 15.07 -4.18 -31.92
C ARG A 127 16.49 -3.80 -31.52
N ILE A 128 16.84 -2.56 -31.81
CA ILE A 128 18.17 -2.04 -31.53
C ILE A 128 18.54 -2.21 -30.07
N TYR A 129 17.56 -2.01 -29.18
CA TYR A 129 17.80 -2.13 -27.75
C TYR A 129 18.18 -3.56 -27.36
N LYS A 130 17.64 -4.53 -28.09
CA LYS A 130 17.87 -5.93 -27.78
C LYS A 130 19.17 -6.48 -28.39
N THR A 131 19.57 -5.94 -29.54
CA THR A 131 20.68 -6.50 -30.30
C THR A 131 21.95 -5.66 -30.14
N ASP A 132 21.79 -4.35 -30.08
CA ASP A 132 22.95 -3.46 -30.03
C ASP A 132 22.80 -2.34 -29.01
N ARG A 133 23.07 -2.66 -27.74
CA ARG A 133 22.85 -1.71 -26.65
C ARG A 133 23.65 -0.41 -26.82
N ASP A 134 24.87 -0.53 -27.31
CA ASP A 134 25.71 0.66 -27.53
C ASP A 134 25.10 1.58 -28.57
N LYS A 135 24.48 1.00 -29.59
CA LYS A 135 23.79 1.78 -30.62
C LYS A 135 22.58 2.47 -29.99
N TYR A 136 21.89 1.75 -29.10
CA TYR A 136 20.71 2.28 -28.43
C TYR A 136 21.06 3.46 -27.52
N ASN A 137 22.08 3.28 -26.68
CA ASN A 137 22.53 4.33 -25.80
C ASN A 137 23.01 5.55 -26.60
N ARG A 138 23.74 5.28 -27.67
CA ARG A 138 24.31 6.33 -28.51
C ARG A 138 23.25 7.24 -29.09
N ILE A 139 22.26 6.65 -29.74
CA ILE A 139 21.16 7.40 -30.34
C ILE A 139 20.28 8.03 -29.27
N SER A 140 20.02 7.29 -28.20
CA SER A 140 19.19 7.80 -27.10
C SER A 140 19.79 9.06 -26.49
N ARG A 141 21.10 9.06 -26.26
CA ARG A 141 21.78 10.22 -25.69
C ARG A 141 21.74 11.40 -26.66
N GLU A 142 21.93 11.11 -27.95
CA GLU A 142 21.93 12.16 -28.96
C GLU A 142 20.60 12.90 -29.00
N TRP A 143 19.52 12.13 -28.99
CA TRP A 143 18.18 12.72 -28.98
C TRP A 143 17.94 13.51 -27.70
N THR A 144 18.52 13.04 -26.60
CA THR A 144 18.36 13.72 -25.32
C THR A 144 19.02 15.10 -25.37
N GLN A 145 20.25 15.12 -25.86
CA GLN A 145 20.98 16.37 -26.00
C GLN A 145 20.28 17.30 -26.98
N LYS A 146 19.69 16.72 -28.02
CA LYS A 146 19.09 17.49 -29.10
C LYS A 146 17.73 18.09 -28.74
N TYR A 147 16.89 17.30 -28.07
CA TYR A 147 15.49 17.68 -27.83
C TYR A 147 15.15 17.94 -26.36
N ALA A 148 15.91 17.34 -25.45
CA ALA A 148 15.56 17.38 -24.03
C ALA A 148 16.53 18.18 -23.16
N MET A 149 17.44 18.92 -23.79
CA MET A 149 18.41 19.74 -23.07
C MET A 149 18.46 21.16 -23.63
N ARG B 3 -4.71 18.41 14.92
CA ARG B 3 -5.16 17.05 14.65
C ARG B 3 -4.33 16.05 15.44
N THR B 4 -3.38 16.56 16.23
CA THR B 4 -2.68 15.73 17.20
C THR B 4 -3.65 15.51 18.35
N THR B 5 -3.74 14.29 18.85
CA THR B 5 -4.64 14.01 19.94
C THR B 5 -3.95 13.11 20.96
N ARG B 6 -4.20 13.39 22.24
CA ARG B 6 -3.67 12.57 23.31
C ARG B 6 -4.74 11.64 23.87
N ILE B 7 -4.40 10.37 24.02
CA ILE B 7 -5.35 9.38 24.50
C ILE B 7 -4.76 8.45 25.55
N LYS B 8 -5.51 8.27 26.63
CA LYS B 8 -5.16 7.36 27.71
C LYS B 8 -4.89 5.96 27.18
N ILE B 9 -3.74 5.40 27.54
CA ILE B 9 -3.36 4.09 27.04
C ILE B 9 -4.39 3.01 27.40
N THR B 10 -5.04 3.18 28.56
CA THR B 10 -6.06 2.24 28.99
C THR B 10 -7.31 2.34 28.11
N GLU B 11 -7.40 3.42 27.32
CA GLU B 11 -8.52 3.61 26.40
C GLU B 11 -8.23 2.90 25.09
N LEU B 12 -6.95 2.75 24.77
CA LEU B 12 -6.52 2.04 23.57
C LEU B 12 -6.42 0.54 23.82
N ASN B 13 -6.05 0.16 25.04
CA ASN B 13 -5.75 -1.24 25.38
C ASN B 13 -6.70 -2.30 24.82
N PRO B 14 -8.02 -2.10 24.97
CA PRO B 14 -8.96 -3.09 24.46
C PRO B 14 -8.71 -3.42 22.99
N HIS B 15 -8.28 -2.40 22.23
CA HIS B 15 -8.07 -2.56 20.79
C HIS B 15 -6.72 -3.19 20.46
N LEU B 16 -5.85 -3.31 21.46
CA LEU B 16 -4.48 -3.74 21.20
C LEU B 16 -4.11 -5.04 21.91
N MET B 17 -5.07 -5.69 22.54
CA MET B 17 -4.76 -6.85 23.38
C MET B 17 -5.38 -8.16 22.92
N CYS B 18 -4.58 -9.23 22.99
CA CYS B 18 -5.05 -10.57 22.68
C CYS B 18 -5.84 -11.12 23.87
N VAL B 19 -6.98 -11.72 23.57
CA VAL B 19 -7.85 -12.22 24.64
C VAL B 19 -7.33 -13.54 25.19
N LEU B 20 -6.50 -14.21 24.41
CA LEU B 20 -5.97 -15.52 24.80
C LEU B 20 -4.89 -15.43 25.87
N CYS B 21 -3.99 -14.46 25.76
CA CYS B 21 -2.89 -14.32 26.70
C CYS B 21 -3.10 -13.13 27.64
N GLY B 22 -3.99 -12.23 27.26
CA GLY B 22 -4.28 -11.04 28.06
C GLY B 22 -3.22 -9.98 27.91
N GLY B 23 -2.32 -10.17 26.95
CA GLY B 23 -1.26 -9.22 26.71
C GLY B 23 -1.46 -8.45 25.42
N TYR B 24 -0.47 -7.65 25.06
CA TYR B 24 -0.48 -6.93 23.80
C TYR B 24 -0.21 -7.88 22.64
N PHE B 25 -0.80 -7.61 21.49
CA PHE B 25 -0.57 -8.43 20.30
C PHE B 25 0.92 -8.48 19.97
N ILE B 26 1.44 -9.69 19.82
CA ILE B 26 2.79 -9.88 19.30
C ILE B 26 2.68 -10.78 18.09
N ASP B 27 3.09 -10.27 16.94
CA ASP B 27 2.97 -11.02 15.68
C ASP B 27 1.50 -11.24 15.37
N ALA B 28 0.71 -10.17 15.47
CA ALA B 28 -0.73 -10.23 15.30
C ALA B 28 -1.14 -11.15 14.16
N THR B 29 -2.08 -12.05 14.45
CA THR B 29 -2.56 -13.00 13.45
C THR B 29 -4.09 -12.99 13.42
N THR B 30 -4.65 -12.94 12.22
CA THR B 30 -6.09 -12.75 12.06
C THR B 30 -6.79 -13.90 11.33
N ILE B 31 -7.85 -14.40 11.96
CA ILE B 31 -8.72 -15.38 11.31
C ILE B 31 -9.53 -14.67 10.23
N ILE B 32 -9.37 -15.12 8.98
CA ILE B 32 -9.98 -14.45 7.85
C ILE B 32 -11.50 -14.65 7.80
N GLU B 33 -11.98 -15.66 8.52
CA GLU B 33 -13.41 -15.98 8.54
C GLU B 33 -14.21 -14.88 9.24
N CYS B 34 -13.66 -14.35 10.34
CA CYS B 34 -14.38 -13.42 11.20
C CYS B 34 -13.63 -12.12 11.50
N LEU B 35 -12.33 -12.11 11.21
CA LEU B 35 -11.50 -10.93 11.45
C LEU B 35 -11.23 -10.68 12.93
N HIS B 36 -11.14 -11.76 13.70
CA HIS B 36 -10.72 -11.66 15.09
C HIS B 36 -9.24 -12.01 15.19
N SER B 37 -8.50 -11.28 16.02
CA SER B 37 -7.04 -11.34 16.00
C SER B 37 -6.43 -11.84 17.30
N PHE B 38 -5.21 -12.34 17.20
CA PHE B 38 -4.52 -12.92 18.35
C PHE B 38 -3.02 -12.86 18.12
N CYS B 39 -2.26 -13.09 19.19
CA CYS B 39 -0.83 -13.31 19.05
C CYS B 39 -0.66 -14.54 18.18
N LYS B 40 0.37 -14.54 17.35
CA LYS B 40 0.63 -15.68 16.48
C LYS B 40 0.71 -16.96 17.29
N THR B 41 1.51 -16.94 18.35
CA THR B 41 1.72 -18.13 19.16
C THR B 41 0.46 -18.55 19.89
N CYS B 42 -0.34 -17.58 20.30
CA CYS B 42 -1.54 -17.87 21.07
C CYS B 42 -2.61 -18.56 20.23
N ILE B 43 -2.73 -18.16 18.98
CA ILE B 43 -3.76 -18.71 18.10
C ILE B 43 -3.31 -20.01 17.41
N VAL B 44 -2.02 -20.10 17.09
CA VAL B 44 -1.49 -21.32 16.48
C VAL B 44 -1.57 -22.50 17.44
N ARG B 45 -1.24 -22.26 18.70
CA ARG B 45 -1.32 -23.28 19.74
C ARG B 45 -2.78 -23.67 19.99
N TYR B 46 -3.63 -22.66 20.13
CA TYR B 46 -5.06 -22.87 20.38
C TYR B 46 -5.72 -23.66 19.27
N LEU B 47 -5.38 -23.34 18.02
CA LEU B 47 -5.98 -23.99 16.86
C LEU B 47 -5.53 -25.44 16.71
N GLU B 48 -4.61 -25.88 17.56
CA GLU B 48 -4.15 -27.27 17.55
C GLU B 48 -5.19 -28.21 18.13
N THR B 49 -6.09 -27.67 18.95
CA THR B 49 -7.09 -28.49 19.64
C THR B 49 -8.50 -27.89 19.53
N SER B 50 -8.66 -26.94 18.61
CA SER B 50 -9.97 -26.36 18.32
C SER B 50 -9.96 -25.75 16.93
N LYS B 51 -11.04 -25.96 16.19
CA LYS B 51 -11.15 -25.38 14.86
C LYS B 51 -12.22 -24.28 14.83
N TYR B 52 -12.47 -23.73 16.01
CA TYR B 52 -13.45 -22.65 16.15
C TYR B 52 -12.80 -21.44 16.81
N CYS B 53 -13.20 -20.25 16.37
CA CYS B 53 -12.65 -19.03 16.92
C CYS B 53 -12.94 -18.92 18.42
N PRO B 54 -11.91 -18.59 19.21
CA PRO B 54 -12.03 -18.44 20.65
C PRO B 54 -13.04 -17.37 21.03
N ILE B 55 -13.28 -16.41 20.15
CA ILE B 55 -14.15 -15.29 20.47
C ILE B 55 -15.60 -15.45 19.98
N CYS B 56 -15.76 -15.67 18.68
CA CYS B 56 -17.10 -15.72 18.09
C CYS B 56 -17.57 -17.15 17.84
N ASP B 57 -16.66 -18.10 18.02
CA ASP B 57 -17.01 -19.52 17.92
C ASP B 57 -17.43 -19.97 16.53
N VAL B 58 -17.20 -19.13 15.51
CA VAL B 58 -17.39 -19.55 14.13
C VAL B 58 -16.31 -20.58 13.80
N GLN B 59 -16.57 -21.44 12.81
CA GLN B 59 -15.59 -22.45 12.43
C GLN B 59 -14.54 -21.86 11.49
N VAL B 60 -13.27 -21.99 11.87
CA VAL B 60 -12.16 -21.42 11.12
C VAL B 60 -11.93 -22.16 9.80
N HIS B 61 -11.97 -23.49 9.85
CA HIS B 61 -11.85 -24.31 8.64
C HIS B 61 -12.46 -25.68 8.92
N LYS B 62 -12.84 -26.39 7.87
CA LYS B 62 -13.50 -27.67 8.03
C LYS B 62 -12.49 -28.56 8.75
N THR B 63 -11.33 -28.73 8.16
CA THR B 63 -10.36 -29.69 8.69
C THR B 63 -8.99 -29.16 9.12
N ARG B 64 -8.62 -27.98 8.62
CA ARG B 64 -7.30 -27.43 8.90
C ARG B 64 -7.48 -25.92 9.11
N PRO B 65 -7.50 -25.49 10.37
CA PRO B 65 -7.70 -24.09 10.76
C PRO B 65 -6.58 -23.17 10.28
N LEU B 66 -5.34 -23.66 10.32
CA LEU B 66 -4.19 -22.84 9.93
C LEU B 66 -4.35 -22.25 8.52
N LEU B 67 -4.95 -23.03 7.62
CA LEU B 67 -5.19 -22.56 6.26
C LEU B 67 -5.85 -21.18 6.23
N ASN B 68 -6.70 -20.93 7.22
CA ASN B 68 -7.52 -19.71 7.22
C ASN B 68 -7.14 -18.66 8.25
N ILE B 69 -5.85 -18.53 8.52
CA ILE B 69 -5.35 -17.42 9.32
C ILE B 69 -4.21 -16.72 8.58
N ARG B 70 -4.04 -15.43 8.83
CA ARG B 70 -3.02 -14.64 8.14
C ARG B 70 -2.29 -13.74 9.13
N SER B 71 -1.01 -13.51 8.88
CA SER B 71 -0.29 -12.49 9.62
C SER B 71 -0.95 -11.15 9.30
N ASP B 72 -1.16 -10.34 10.34
CA ASP B 72 -1.80 -9.04 10.17
C ASP B 72 -0.79 -7.92 10.40
N LYS B 73 0.03 -7.65 9.39
CA LYS B 73 1.08 -6.65 9.50
C LYS B 73 0.56 -5.27 9.93
N THR B 74 -0.56 -4.87 9.35
CA THR B 74 -1.15 -3.57 9.64
C THR B 74 -1.48 -3.44 11.13
N LEU B 75 -2.15 -4.45 11.67
CA LEU B 75 -2.51 -4.47 13.07
C LEU B 75 -1.29 -4.41 13.99
N GLN B 76 -0.29 -5.23 13.70
CA GLN B 76 0.91 -5.29 14.53
C GLN B 76 1.68 -3.98 14.50
N ASP B 77 1.77 -3.39 13.31
CA ASP B 77 2.43 -2.11 13.14
C ASP B 77 1.74 -1.03 13.98
N ILE B 78 0.40 -1.08 14.02
CA ILE B 78 -0.36 -0.16 14.86
C ILE B 78 0.01 -0.34 16.32
N VAL B 79 0.08 -1.58 16.77
CA VAL B 79 0.40 -1.90 18.15
C VAL B 79 1.80 -1.44 18.54
N TYR B 80 2.76 -1.71 17.67
CA TYR B 80 4.16 -1.34 17.89
C TYR B 80 4.39 0.17 17.85
N LYS B 81 3.50 0.90 17.18
CA LYS B 81 3.66 2.34 17.07
C LYS B 81 2.96 3.10 18.21
N LEU B 82 1.98 2.44 18.82
CA LEU B 82 1.20 3.07 19.89
C LEU B 82 1.75 2.78 21.28
N VAL B 83 2.11 1.53 21.53
CA VAL B 83 2.62 1.12 22.83
C VAL B 83 4.10 1.46 22.97
N PRO B 84 4.42 2.51 23.75
CA PRO B 84 5.81 2.96 23.91
C PRO B 84 6.69 1.87 24.52
N GLY B 85 7.80 1.57 23.88
CA GLY B 85 8.75 0.61 24.41
C GLY B 85 8.44 -0.83 24.05
N LEU B 86 7.17 -1.14 23.82
CA LEU B 86 6.76 -2.51 23.50
C LEU B 86 7.71 -3.18 22.51
N PHE B 87 7.95 -2.53 21.38
CA PHE B 87 8.75 -3.13 20.31
C PHE B 87 10.18 -3.43 20.73
N LYS B 88 10.85 -2.45 21.34
CA LYS B 88 12.20 -2.67 21.83
C LYS B 88 12.22 -3.84 22.82
N ASN B 89 11.28 -3.84 23.76
CA ASN B 89 11.19 -4.89 24.76
C ASN B 89 11.07 -6.30 24.18
N GLU B 90 10.15 -6.48 23.23
CA GLU B 90 9.97 -7.76 22.57
C GLU B 90 11.24 -8.16 21.83
N MET B 91 11.88 -7.19 21.19
CA MET B 91 13.14 -7.46 20.49
C MET B 91 14.23 -7.88 21.46
N LYS B 92 14.38 -7.13 22.55
CA LYS B 92 15.36 -7.48 23.57
C LYS B 92 15.08 -8.89 24.10
N ARG B 93 13.81 -9.16 24.39
CA ARG B 93 13.37 -10.47 24.87
C ARG B 93 13.89 -11.61 24.01
N ARG B 94 14.05 -11.33 22.71
CA ARG B 94 14.49 -12.35 21.77
C ARG B 94 16.01 -12.49 21.73
N ARG B 95 16.72 -11.38 21.83
CA ARG B 95 18.18 -11.41 21.94
C ARG B 95 18.61 -12.11 23.23
N ASP B 96 18.16 -11.57 24.37
CA ASP B 96 18.45 -12.14 25.68
C ASP B 96 18.18 -13.64 25.71
N PHE B 97 17.35 -14.11 24.79
CA PHE B 97 17.02 -15.52 24.71
C PHE B 97 17.93 -16.25 23.76
N TYR B 98 18.25 -15.62 22.63
CA TYR B 98 19.13 -16.26 21.65
C TYR B 98 20.60 -16.21 22.06
N ALA B 99 20.90 -15.47 23.11
CA ALA B 99 22.25 -15.52 23.64
C ALA B 99 22.33 -16.74 24.55
N ALA B 100 21.25 -16.94 25.30
CA ALA B 100 21.16 -17.99 26.29
C ALA B 100 20.92 -19.36 25.65
N HIS B 101 20.72 -19.42 24.34
CA HIS B 101 20.50 -20.70 23.69
C HIS B 101 21.32 -20.82 22.41
N THR C 21 4.19 -22.00 6.32
CA THR C 21 4.50 -22.73 7.54
C THR C 21 4.15 -21.89 8.77
N TRP C 22 3.46 -22.51 9.74
CA TRP C 22 3.16 -21.85 11.00
C TRP C 22 3.87 -22.51 12.17
N GLU C 23 5.03 -23.12 11.90
CA GLU C 23 5.78 -23.78 12.96
C GLU C 23 6.43 -22.77 13.89
N LEU C 24 6.32 -23.03 15.18
CA LEU C 24 6.78 -22.09 16.19
C LEU C 24 8.26 -22.23 16.51
N SER C 25 8.97 -21.10 16.46
CA SER C 25 10.39 -21.07 16.79
C SER C 25 10.60 -21.48 18.24
N LEU C 26 11.86 -21.66 18.63
CA LEU C 26 12.17 -21.99 20.02
C LEU C 26 11.82 -20.85 20.96
N TYR C 27 12.05 -19.62 20.52
CA TYR C 27 11.63 -18.48 21.33
C TYR C 27 10.12 -18.45 21.46
N GLU C 28 9.43 -18.82 20.39
CA GLU C 28 7.97 -18.72 20.33
C GLU C 28 7.27 -19.76 21.21
N LEU C 29 7.79 -20.99 21.20
CA LEU C 29 7.23 -22.08 21.97
C LEU C 29 7.25 -21.78 23.48
N GLN C 30 7.89 -20.68 23.85
CA GLN C 30 8.09 -20.37 25.27
C GLN C 30 7.67 -18.95 25.62
N ARG C 31 7.60 -18.07 24.63
CA ARG C 31 7.30 -16.67 24.88
C ARG C 31 6.18 -16.45 25.90
N THR C 32 6.35 -15.41 26.71
CA THR C 32 5.36 -15.02 27.71
C THR C 32 4.73 -13.70 27.29
N PRO C 33 3.55 -13.37 27.84
CA PRO C 33 2.80 -12.19 27.39
C PRO C 33 3.53 -10.87 27.60
N GLN C 34 3.19 -9.87 26.80
CA GLN C 34 3.62 -8.50 27.02
C GLN C 34 2.51 -7.79 27.80
N GLU C 35 2.68 -7.72 29.12
CA GLU C 35 1.63 -7.22 29.99
C GLU C 35 1.18 -5.81 29.62
N ALA C 36 -0.12 -5.55 29.79
CA ALA C 36 -0.67 -4.24 29.45
C ALA C 36 -0.16 -3.16 30.39
N ILE C 37 -0.01 -1.94 29.86
CA ILE C 37 0.25 -0.78 30.68
C ILE C 37 -1.08 -0.27 31.21
N THR C 38 -1.18 -0.14 32.54
CA THR C 38 -2.45 0.18 33.19
C THR C 38 -2.41 1.46 34.05
N ASP C 39 -1.42 2.32 33.83
CA ASP C 39 -1.32 3.60 34.56
C ASP C 39 -1.87 4.78 33.74
N GLY C 40 -1.87 5.99 34.31
CA GLY C 40 -2.41 7.15 33.62
C GLY C 40 -1.71 7.56 32.33
N LEU C 41 -0.79 6.73 31.87
CA LEU C 41 0.02 7.04 30.68
C LEU C 41 -0.85 7.54 29.53
N GLU C 42 -0.45 8.67 28.94
CA GLU C 42 -1.11 9.15 27.73
C GLU C 42 -0.24 8.91 26.51
N ILE C 43 -0.88 8.44 25.45
CA ILE C 43 -0.20 8.23 24.18
C ILE C 43 -0.35 9.47 23.32
N VAL C 44 0.76 9.99 22.83
CA VAL C 44 0.72 11.12 21.92
C VAL C 44 0.63 10.62 20.50
N VAL C 45 -0.54 10.78 19.90
CA VAL C 45 -0.75 10.40 18.51
C VAL C 45 -0.65 11.64 17.63
N SER C 46 0.45 11.77 16.92
CA SER C 46 0.63 12.86 15.96
C SER C 46 0.04 12.47 14.61
N PRO C 47 -0.33 13.46 13.79
CA PRO C 47 -1.11 13.23 12.56
C PRO C 47 -0.59 12.14 11.64
N ARG C 48 0.70 11.80 11.73
CA ARG C 48 1.28 10.79 10.85
C ARG C 48 1.57 9.48 11.54
N SER C 49 1.55 9.48 12.86
CA SER C 49 1.83 8.29 13.63
C SER C 49 1.17 7.06 13.02
N LEU C 50 -0.09 7.21 12.61
CA LEU C 50 -0.86 6.10 12.04
C LEU C 50 -1.41 6.42 10.65
N HIS C 51 -0.72 7.26 9.89
CA HIS C 51 -1.22 7.68 8.60
C HIS C 51 -1.40 6.53 7.62
N SER C 52 -0.36 5.72 7.44
CA SER C 52 -0.42 4.59 6.53
C SER C 52 -1.46 3.58 6.97
N GLU C 53 -1.48 3.28 8.27
CA GLU C 53 -2.35 2.24 8.82
C GLU C 53 -3.84 2.55 8.76
N LEU C 54 -4.20 3.82 8.91
CA LEU C 54 -5.61 4.20 9.00
C LEU C 54 -6.16 4.82 7.72
N MET C 55 -5.35 4.90 6.68
CA MET C 55 -5.79 5.53 5.44
C MET C 55 -6.28 4.53 4.40
N CYS C 56 -7.37 4.86 3.73
CA CYS C 56 -7.84 4.05 2.61
C CYS C 56 -6.97 4.31 1.39
N PRO C 57 -6.38 3.25 0.85
CA PRO C 57 -5.46 3.35 -0.29
C PRO C 57 -6.15 3.94 -1.51
N ILE C 58 -7.47 3.80 -1.59
CA ILE C 58 -8.21 4.25 -2.76
C ILE C 58 -8.58 5.72 -2.75
N CYS C 59 -9.25 6.15 -1.68
CA CYS C 59 -9.70 7.55 -1.59
C CYS C 59 -8.68 8.43 -0.88
N LEU C 60 -7.68 7.80 -0.25
CA LEU C 60 -6.64 8.53 0.45
C LEU C 60 -7.18 9.30 1.65
N ASP C 61 -8.39 8.98 2.07
CA ASP C 61 -8.99 9.56 3.26
C ASP C 61 -8.93 8.52 4.37
N MET C 62 -9.32 8.91 5.58
CA MET C 62 -9.32 7.96 6.70
C MET C 62 -10.42 6.91 6.51
N LEU C 63 -10.07 5.66 6.79
CA LEU C 63 -10.98 4.53 6.57
C LEU C 63 -12.36 4.78 7.16
N LYS C 64 -13.39 4.42 6.39
CA LYS C 64 -14.76 4.56 6.86
C LYS C 64 -15.52 3.31 6.45
N ASN C 65 -16.29 2.76 7.38
CA ASN C 65 -16.97 1.49 7.15
C ASN C 65 -15.99 0.46 6.58
N THR C 66 -14.87 0.29 7.28
CA THR C 66 -13.79 -0.57 6.79
C THR C 66 -14.27 -1.93 6.31
N MET C 67 -13.87 -2.29 5.09
CA MET C 67 -13.98 -3.67 4.63
C MET C 67 -12.57 -4.19 4.36
N THR C 68 -12.36 -5.47 4.62
CA THR C 68 -11.03 -6.05 4.61
C THR C 68 -10.97 -7.31 3.76
N THR C 69 -10.01 -7.38 2.85
CA THR C 69 -9.85 -8.58 2.03
C THR C 69 -9.48 -9.74 2.94
N LYS C 70 -10.10 -10.89 2.72
CA LYS C 70 -9.87 -12.04 3.57
C LYS C 70 -8.52 -12.68 3.29
N GLU C 71 -8.12 -12.69 2.01
CA GLU C 71 -6.88 -13.35 1.59
C GLU C 71 -5.61 -12.64 2.07
N CYS C 72 -5.62 -11.30 2.02
CA CYS C 72 -4.40 -10.53 2.23
C CYS C 72 -4.54 -9.47 3.31
N LEU C 73 -5.69 -9.43 3.97
CA LEU C 73 -5.92 -8.50 5.07
C LEU C 73 -5.55 -7.06 4.73
N HIS C 74 -6.09 -6.55 3.63
CA HIS C 74 -5.92 -5.15 3.27
C HIS C 74 -7.26 -4.42 3.36
N ARG C 75 -7.22 -3.19 3.86
CA ARG C 75 -8.43 -2.50 4.27
C ARG C 75 -8.81 -1.30 3.41
N PHE C 76 -10.10 -1.17 3.16
CA PHE C 76 -10.63 -0.13 2.29
C PHE C 76 -11.96 0.33 2.84
N CYS C 77 -12.33 1.57 2.51
CA CYS C 77 -13.68 2.03 2.76
C CYS C 77 -14.62 1.09 2.00
N ALA C 78 -15.75 0.76 2.61
CA ALA C 78 -16.69 -0.16 1.98
C ALA C 78 -17.09 0.34 0.60
N ASP C 79 -17.46 1.61 0.52
CA ASP C 79 -17.88 2.19 -0.75
C ASP C 79 -16.76 2.21 -1.77
N CYS C 80 -15.54 2.38 -1.31
CA CYS C 80 -14.40 2.46 -2.20
C CYS C 80 -14.08 1.12 -2.85
N ILE C 81 -14.01 0.07 -2.05
CA ILE C 81 -13.68 -1.25 -2.57
C ILE C 81 -14.82 -1.82 -3.40
N ILE C 82 -16.05 -1.53 -2.99
CA ILE C 82 -17.23 -1.96 -3.73
C ILE C 82 -17.29 -1.29 -5.10
N THR C 83 -16.97 0.00 -5.13
CA THR C 83 -16.95 0.74 -6.39
C THR C 83 -15.87 0.17 -7.31
N ALA C 84 -14.71 -0.11 -6.74
CA ALA C 84 -13.58 -0.63 -7.50
C ALA C 84 -13.88 -2.01 -8.09
N LEU C 85 -14.63 -2.82 -7.34
CA LEU C 85 -15.01 -4.15 -7.83
C LEU C 85 -16.09 -4.02 -8.90
N ARG C 86 -16.97 -3.03 -8.75
CA ARG C 86 -17.95 -2.75 -9.78
C ARG C 86 -17.26 -2.21 -11.02
N SER C 87 -16.20 -1.43 -10.82
CA SER C 87 -15.39 -0.93 -11.94
C SER C 87 -14.49 -2.07 -12.39
N GLY C 88 -15.09 -3.24 -12.64
CA GLY C 88 -14.46 -4.31 -13.40
C GLY C 88 -13.40 -5.15 -12.74
N ASN C 89 -12.31 -4.49 -12.35
CA ASN C 89 -11.06 -5.18 -11.99
C ASN C 89 -11.09 -5.95 -10.67
N LYS C 90 -11.08 -7.28 -10.79
CA LYS C 90 -11.18 -8.18 -9.65
C LYS C 90 -9.84 -8.44 -8.98
N GLU C 91 -9.17 -7.40 -8.49
CA GLU C 91 -7.95 -7.59 -7.73
C GLU C 91 -8.00 -6.80 -6.43
N CYS C 92 -7.21 -7.24 -5.45
CA CYS C 92 -6.97 -6.35 -4.32
C CYS C 92 -6.17 -5.19 -4.89
N PRO C 93 -6.71 -3.98 -4.76
CA PRO C 93 -6.04 -2.78 -5.28
C PRO C 93 -4.66 -2.60 -4.66
N THR C 94 -4.40 -3.27 -3.54
CA THR C 94 -3.12 -3.12 -2.84
C THR C 94 -2.03 -4.11 -3.28
N CYS C 95 -2.38 -5.38 -3.49
CA CYS C 95 -1.35 -6.39 -3.83
C CYS C 95 -1.66 -7.28 -5.06
N ARG C 96 -2.82 -7.09 -5.68
CA ARG C 96 -3.15 -7.76 -6.94
C ARG C 96 -3.73 -9.17 -6.82
N LYS C 97 -3.99 -9.62 -5.60
CA LYS C 97 -4.53 -10.95 -5.41
C LYS C 97 -5.99 -11.07 -5.86
N LYS C 98 -6.33 -12.22 -6.44
CA LYS C 98 -7.67 -12.44 -6.95
C LYS C 98 -8.76 -12.14 -5.91
N LEU C 99 -9.72 -11.31 -6.33
CA LEU C 99 -10.94 -11.12 -5.58
C LEU C 99 -12.08 -11.55 -6.48
N VAL C 100 -12.79 -12.60 -6.06
CA VAL C 100 -13.99 -13.00 -6.78
C VAL C 100 -15.06 -11.92 -6.70
N SER C 101 -15.39 -11.51 -5.50
CA SER C 101 -16.51 -10.60 -5.28
C SER C 101 -16.49 -9.97 -3.90
N LYS C 102 -17.57 -9.28 -3.57
CA LYS C 102 -17.76 -8.67 -2.26
C LYS C 102 -17.56 -9.71 -1.16
N ARG C 103 -17.89 -10.96 -1.48
CA ARG C 103 -17.79 -12.05 -0.52
C ARG C 103 -16.36 -12.47 -0.24
N SER C 104 -15.41 -11.89 -0.97
CA SER C 104 -13.99 -12.10 -0.70
C SER C 104 -13.52 -11.06 0.31
N LEU C 105 -14.41 -10.15 0.68
CA LEU C 105 -14.12 -9.14 1.68
C LEU C 105 -14.97 -9.38 2.92
N ARG C 106 -14.59 -8.74 4.02
CA ARG C 106 -15.39 -8.80 5.23
C ARG C 106 -15.37 -7.45 5.95
N PRO C 107 -16.55 -6.99 6.41
CA PRO C 107 -16.61 -5.75 7.18
C PRO C 107 -15.73 -5.87 8.42
N ASP C 108 -15.07 -4.79 8.79
CA ASP C 108 -14.10 -4.83 9.88
C ASP C 108 -14.49 -3.85 10.99
N PRO C 109 -15.50 -4.21 11.79
CA PRO C 109 -16.05 -3.28 12.78
C PRO C 109 -14.99 -2.93 13.82
N ASN C 110 -14.20 -3.92 14.23
CA ASN C 110 -13.12 -3.69 15.17
C ASN C 110 -12.15 -2.62 14.71
N PHE C 111 -11.86 -2.60 13.41
CA PHE C 111 -10.97 -1.59 12.85
C PHE C 111 -11.63 -0.21 12.92
N ASP C 112 -12.92 -0.17 12.59
CA ASP C 112 -13.70 1.06 12.70
C ASP C 112 -13.72 1.56 14.14
N ALA C 113 -13.86 0.64 15.09
CA ALA C 113 -13.93 0.98 16.51
C ALA C 113 -12.66 1.64 17.01
N LEU C 114 -11.51 1.12 16.61
CA LEU C 114 -10.23 1.71 16.99
C LEU C 114 -10.16 3.12 16.45
N ILE C 115 -10.62 3.29 15.21
CA ILE C 115 -10.57 4.59 14.55
C ILE C 115 -11.49 5.60 15.24
N SER C 116 -12.68 5.15 15.60
CA SER C 116 -13.61 6.02 16.31
C SER C 116 -13.12 6.34 17.71
N LYS C 117 -12.36 5.41 18.30
CA LYS C 117 -11.77 5.65 19.61
C LYS C 117 -10.83 6.84 19.56
N ILE C 118 -9.88 6.78 18.62
CA ILE C 118 -8.89 7.84 18.48
C ILE C 118 -9.47 9.11 17.85
N TYR C 119 -10.19 8.98 16.75
CA TYR C 119 -10.75 10.13 16.05
C TYR C 119 -12.27 10.03 15.87
N PRO C 120 -13.03 10.42 16.90
CA PRO C 120 -14.50 10.41 16.76
C PRO C 120 -14.95 11.23 15.56
N SER C 121 -15.92 10.72 14.80
CA SER C 121 -16.42 11.42 13.63
C SER C 121 -17.94 11.41 13.57
ZN ZN D . -1.78 -13.43 22.93
ZN ZN E . -14.10 -14.92 15.48
ZN ZN F . -4.47 -7.37 -0.73
ZN ZN G . -11.86 5.09 0.89
#